data_9Q9P
#
_entry.id   9Q9P
#
_cell.length_a   37.104
_cell.length_b   60.620
_cell.length_c   41.931
_cell.angle_alpha   90.000
_cell.angle_beta   113.010
_cell.angle_gamma   90.000
#
_symmetry.space_group_name_H-M   'P 1 21 1'
#
loop_
_entity.id
_entity.type
_entity.pdbx_description
1 polymer 'E3 ubiquitin-protein ligase TRIM21'
2 non-polymer (2~{S},4~{S})-1-[(3~{S})-3-azanyl-3-(2-methoxyphenyl)propanoyl]-4-cyclohexyl-~{N}-[(2~{S})-1-(methylamino)-1-oxidanylidene-3-pyridin-4-yl-propan-2-yl]pyrrolidine-2-carboxamide
3 water water
#
_entity_poly.entity_id   1
_entity_poly.type   'polypeptide(L)'
_entity_poly.pdbx_seq_one_letter_code
;MAHHHHHHMVHITLDPDTANPWLILSEDRRQVRLGDTQQSIPGNEERFDSYPMVLGAQHFHSGKHYWEVDVTGKEAWDLG
VCRDSVRRKGHFLLSSKSGFWTIWLWNKQKYEAGTYPQTPLHLQVPPCQVGIFLDYEAGMVSFYNITDHGSLIYSFSECA
FTGPLRPFFSPGFNDGGKNTAPLTLCPLNIGSQGSTDY
;
_entity_poly.pdbx_strand_id   B
#
# COMPACT_ATOMS: atom_id res chain seq x y z
N HIS A 5 -17.33 -8.24 -1.80
CA HIS A 5 -15.85 -8.34 -1.63
C HIS A 5 -15.50 -8.50 -0.16
N HIS A 6 -16.33 -7.98 0.75
CA HIS A 6 -16.15 -8.03 2.23
C HIS A 6 -15.84 -9.47 2.67
N HIS A 7 -16.54 -10.47 2.12
CA HIS A 7 -16.42 -11.90 2.53
C HIS A 7 -15.08 -12.52 2.08
N HIS A 8 -14.33 -11.88 1.19
CA HIS A 8 -12.97 -12.33 0.79
C HIS A 8 -11.92 -11.76 1.77
N MET A 9 -12.34 -11.35 2.97
CA MET A 9 -11.47 -10.71 3.99
C MET A 9 -10.23 -11.57 4.26
N VAL A 10 -9.08 -10.92 4.41
CA VAL A 10 -7.74 -11.51 4.73
C VAL A 10 -7.15 -10.70 5.89
N HIS A 11 -6.56 -11.38 6.86
CA HIS A 11 -5.86 -10.74 8.01
C HIS A 11 -4.39 -10.57 7.64
N ILE A 12 -3.94 -9.32 7.46
CA ILE A 12 -2.54 -9.01 7.03
C ILE A 12 -1.69 -8.57 8.21
N THR A 13 -0.49 -9.14 8.27
CA THR A 13 0.61 -8.80 9.21
C THR A 13 1.77 -8.18 8.41
N LEU A 14 2.05 -6.91 8.66
CA LEU A 14 3.26 -6.19 8.15
C LEU A 14 4.49 -7.04 8.47
N ASP A 15 5.45 -7.09 7.55
CA ASP A 15 6.72 -7.87 7.66
C ASP A 15 7.87 -6.92 7.98
N PRO A 16 8.48 -6.98 9.19
CA PRO A 16 9.55 -6.06 9.55
C PRO A 16 10.81 -6.32 8.71
N ASP A 17 10.95 -7.52 8.13
CA ASP A 17 12.10 -7.93 7.30
C ASP A 17 12.10 -7.20 5.95
N THR A 18 10.97 -6.58 5.57
CA THR A 18 10.84 -5.81 4.31
C THR A 18 10.88 -4.32 4.64
N ALA A 19 10.58 -3.96 5.89
CA ALA A 19 10.33 -2.56 6.32
C ALA A 19 11.60 -1.72 6.12
N ASN A 20 11.47 -0.62 5.36
CA ASN A 20 12.44 0.51 5.38
C ASN A 20 12.76 0.83 6.84
N PRO A 21 14.04 1.08 7.19
CA PRO A 21 14.40 1.23 8.60
C PRO A 21 13.96 2.55 9.25
N TRP A 22 13.42 3.52 8.51
CA TRP A 22 12.81 4.73 9.13
C TRP A 22 11.41 4.38 9.67
N LEU A 23 10.82 3.25 9.25
CA LEU A 23 9.42 2.87 9.61
C LEU A 23 9.38 2.29 11.03
N ILE A 24 8.30 2.60 11.76
CA ILE A 24 8.00 2.01 13.11
C ILE A 24 6.69 1.24 12.97
N LEU A 25 6.77 -0.09 13.14
CA LEU A 25 5.64 -1.04 13.17
C LEU A 25 5.21 -1.23 14.63
N SER A 26 3.92 -1.11 14.92
CA SER A 26 3.29 -1.52 16.19
C SER A 26 3.54 -3.02 16.44
N GLU A 27 3.56 -3.42 17.71
CA GLU A 27 3.81 -4.82 18.15
C GLU A 27 2.92 -5.80 17.39
N ASP A 28 1.66 -5.44 17.10
CA ASP A 28 0.71 -6.40 16.46
C ASP A 28 0.90 -6.43 14.93
N ARG A 29 1.86 -5.67 14.37
CA ARG A 29 2.18 -5.62 12.91
C ARG A 29 0.91 -5.23 12.12
N ARG A 30 0.03 -4.41 12.71
CA ARG A 30 -1.22 -3.93 12.08
C ARG A 30 -1.12 -2.43 11.80
N GLN A 31 -0.11 -1.77 12.38
CA GLN A 31 0.12 -0.31 12.18
C GLN A 31 1.55 -0.06 11.70
N VAL A 32 1.72 0.90 10.79
CA VAL A 32 3.06 1.38 10.33
C VAL A 32 3.02 2.92 10.29
N ARG A 33 4.06 3.56 10.81
CA ARG A 33 4.28 5.04 10.72
C ARG A 33 5.78 5.32 10.56
N LEU A 34 6.10 6.55 10.15
CA LEU A 34 7.48 7.00 9.85
C LEU A 34 8.13 7.57 11.12
N GLY A 35 9.25 6.98 11.56
CA GLY A 35 10.00 7.44 12.75
C GLY A 35 10.73 8.75 12.50
N ASP A 36 11.18 9.41 13.56
CA ASP A 36 11.96 10.68 13.48
C ASP A 36 13.43 10.34 13.19
N THR A 37 13.82 9.08 13.37
CA THR A 37 15.19 8.54 13.09
C THR A 37 15.05 7.14 12.47
N GLN A 38 16.17 6.42 12.36
CA GLN A 38 16.35 5.22 11.53
C GLN A 38 16.73 4.02 12.40
N GLN A 39 16.05 2.88 12.30
CA GLN A 39 16.37 1.68 13.13
C GLN A 39 17.69 1.10 12.62
N SER A 40 18.39 0.36 13.49
CA SER A 40 19.60 -0.42 13.13
C SER A 40 19.21 -1.91 13.05
N ILE A 41 19.01 -2.40 11.82
CA ILE A 41 18.48 -3.77 11.52
C ILE A 41 19.19 -4.29 10.27
N PRO A 42 19.19 -5.61 10.02
CA PRO A 42 19.97 -6.19 8.91
C PRO A 42 19.70 -5.51 7.55
N GLY A 43 20.73 -5.40 6.71
CA GLY A 43 20.63 -4.81 5.36
C GLY A 43 20.17 -5.84 4.34
N ASN A 44 19.38 -6.83 4.79
CA ASN A 44 18.97 -8.03 4.02
C ASN A 44 18.38 -7.65 2.66
N GLU A 45 18.13 -8.65 1.83
CA GLU A 45 17.74 -8.48 0.41
C GLU A 45 16.26 -8.04 0.27
N GLU A 46 15.39 -8.28 1.25
CA GLU A 46 13.93 -7.94 1.15
C GLU A 46 13.69 -6.47 1.49
N ARG A 47 14.58 -5.87 2.25
CA ARG A 47 14.40 -4.53 2.87
C ARG A 47 14.34 -3.46 1.75
N PHE A 48 13.25 -2.68 1.71
CA PHE A 48 13.15 -1.41 0.93
C PHE A 48 14.10 -0.37 1.54
N ASP A 49 15.10 0.09 0.78
CA ASP A 49 16.23 0.90 1.35
C ASP A 49 16.05 2.39 1.07
N SER A 50 15.33 2.75 0.01
CA SER A 50 15.28 4.15 -0.51
C SER A 50 14.04 4.88 0.02
N TYR A 51 12.87 4.22 0.03
CA TYR A 51 11.58 4.89 0.36
C TYR A 51 10.91 4.19 1.55
N PRO A 52 10.15 4.95 2.38
CA PRO A 52 9.42 4.38 3.52
C PRO A 52 8.34 3.38 3.10
N MET A 53 8.76 2.18 2.70
CA MET A 53 7.86 1.16 2.13
C MET A 53 7.95 -0.13 2.96
N VAL A 54 6.84 -0.87 3.06
CA VAL A 54 6.76 -2.17 3.80
C VAL A 54 5.74 -3.09 3.13
N LEU A 55 5.99 -4.40 3.12
CA LEU A 55 5.04 -5.41 2.57
C LEU A 55 4.29 -6.08 3.73
N GLY A 56 3.16 -6.72 3.41
CA GLY A 56 2.58 -7.77 4.25
C GLY A 56 3.38 -9.05 4.12
N ALA A 57 3.47 -9.81 5.23
CA ALA A 57 4.08 -11.15 5.30
C ALA A 57 3.42 -12.12 4.31
N GLN A 58 2.15 -11.87 3.98
CA GLN A 58 1.32 -12.77 3.13
C GLN A 58 1.85 -12.74 1.69
N HIS A 59 1.76 -13.88 1.01
CA HIS A 59 1.99 -14.01 -0.45
C HIS A 59 0.71 -14.56 -1.05
N PHE A 60 0.25 -13.97 -2.15
CA PHE A 60 -0.94 -14.44 -2.90
C PHE A 60 -0.48 -15.09 -4.21
N HIS A 61 -0.78 -16.39 -4.36
CA HIS A 61 -0.44 -17.22 -5.54
C HIS A 61 -1.69 -17.40 -6.40
N SER A 62 -2.87 -17.22 -5.80
CA SER A 62 -4.17 -17.47 -6.45
C SER A 62 -5.28 -16.81 -5.64
N GLY A 63 -6.51 -16.85 -6.16
CA GLY A 63 -7.74 -16.60 -5.40
C GLY A 63 -8.02 -15.12 -5.19
N LYS A 64 -9.07 -14.83 -4.43
CA LYS A 64 -9.58 -13.46 -4.16
C LYS A 64 -9.34 -13.14 -2.68
N HIS A 65 -8.89 -11.91 -2.43
CA HIS A 65 -8.33 -11.44 -1.14
C HIS A 65 -8.67 -9.96 -0.97
N TYR A 66 -9.12 -9.56 0.21
CA TYR A 66 -9.65 -8.21 0.49
C TYR A 66 -9.14 -7.70 1.83
N TRP A 67 -8.83 -6.42 1.96
CA TRP A 67 -8.49 -5.80 3.26
C TRP A 67 -8.74 -4.29 3.24
N GLU A 68 -8.61 -3.67 4.40
CA GLU A 68 -8.97 -2.26 4.59
C GLU A 68 -7.86 -1.60 5.39
N VAL A 69 -7.74 -0.29 5.23
CA VAL A 69 -6.69 0.56 5.84
C VAL A 69 -7.31 1.90 6.20
N ASP A 70 -7.14 2.31 7.45
CA ASP A 70 -7.50 3.67 7.91
C ASP A 70 -6.36 4.61 7.53
N VAL A 71 -6.71 5.80 6.98
CA VAL A 71 -5.73 6.85 6.61
C VAL A 71 -6.12 8.19 7.26
N THR A 72 -7.00 8.15 8.28
CA THR A 72 -7.51 9.34 9.00
C THR A 72 -6.34 10.24 9.39
N GLY A 73 -6.44 11.53 9.07
CA GLY A 73 -5.50 12.61 9.45
C GLY A 73 -4.25 12.69 8.59
N LYS A 74 -4.17 11.95 7.48
CA LYS A 74 -2.91 11.79 6.71
C LYS A 74 -2.92 12.66 5.46
N GLU A 75 -1.82 13.36 5.22
CA GLU A 75 -1.65 14.27 4.06
C GLU A 75 -1.00 13.51 2.88
N ALA A 76 -0.52 12.27 3.10
CA ALA A 76 0.09 11.41 2.05
C ALA A 76 0.14 9.94 2.50
N TRP A 77 0.13 9.01 1.53
CA TRP A 77 0.29 7.55 1.75
C TRP A 77 0.23 6.84 0.41
N ASP A 78 0.52 5.53 0.40
CA ASP A 78 0.54 4.67 -0.81
C ASP A 78 0.10 3.25 -0.40
N LEU A 79 -0.79 2.63 -1.18
CA LEU A 79 -1.46 1.34 -0.83
C LEU A 79 -1.68 0.53 -2.10
N GLY A 80 -1.60 -0.80 -2.01
CA GLY A 80 -1.88 -1.71 -3.13
C GLY A 80 -1.17 -3.04 -2.98
N VAL A 81 -0.81 -3.65 -4.11
CA VAL A 81 -0.06 -4.94 -4.17
C VAL A 81 1.17 -4.74 -5.04
N CYS A 82 2.11 -5.67 -4.97
CA CYS A 82 3.26 -5.71 -5.91
C CYS A 82 3.72 -7.14 -6.09
N ARG A 83 4.39 -7.42 -7.20
CA ARG A 83 5.10 -8.71 -7.43
C ARG A 83 6.08 -8.92 -6.27
N ASP A 84 6.22 -10.16 -5.80
CA ASP A 84 7.27 -10.54 -4.83
C ASP A 84 8.63 -10.10 -5.40
N SER A 85 8.82 -10.20 -6.73
CA SER A 85 10.07 -9.88 -7.50
C SER A 85 10.43 -8.38 -7.47
N VAL A 86 9.52 -7.47 -7.18
CA VAL A 86 9.84 -6.02 -7.32
C VAL A 86 11.20 -5.80 -6.68
N ARG A 87 11.99 -4.88 -7.24
CA ARG A 87 13.31 -4.49 -6.70
C ARG A 87 13.09 -3.76 -5.37
N ARG A 88 13.95 -4.01 -4.39
CA ARG A 88 13.91 -3.45 -3.00
C ARG A 88 14.92 -2.31 -2.88
N LYS A 89 16.08 -2.47 -3.52
CA LYS A 89 17.26 -1.61 -3.29
C LYS A 89 17.29 -0.55 -4.41
N GLY A 90 17.49 0.71 -4.03
CA GLY A 90 17.74 1.80 -4.97
C GLY A 90 16.45 2.49 -5.37
N HIS A 91 16.60 3.59 -6.13
CA HIS A 91 15.51 4.50 -6.56
C HIS A 91 14.76 3.86 -7.73
N PHE A 92 13.47 4.15 -7.83
CA PHE A 92 12.61 3.70 -8.94
C PHE A 92 11.36 4.55 -8.91
N LEU A 93 10.59 4.52 -9.99
CA LEU A 93 9.24 5.10 -10.05
C LEU A 93 8.24 4.01 -9.65
N LEU A 94 7.36 4.35 -8.70
CA LEU A 94 6.21 3.51 -8.26
C LEU A 94 5.20 3.50 -9.41
N SER A 95 4.96 2.35 -10.05
CA SER A 95 3.96 2.19 -11.12
C SER A 95 3.81 0.71 -11.49
N SER A 96 2.77 0.37 -12.27
CA SER A 96 2.54 -0.95 -12.89
C SER A 96 3.75 -1.36 -13.77
N LYS A 97 4.47 -0.36 -14.28
CA LYS A 97 5.62 -0.62 -15.19
C LYS A 97 6.78 -1.20 -14.36
N SER A 98 6.77 -1.01 -13.03
CA SER A 98 7.77 -1.59 -12.10
C SER A 98 7.20 -2.81 -11.36
N GLY A 99 5.97 -3.23 -11.67
CA GLY A 99 5.29 -4.37 -11.02
C GLY A 99 4.63 -4.05 -9.68
N PHE A 100 4.18 -2.80 -9.47
CA PHE A 100 3.33 -2.36 -8.34
C PHE A 100 1.95 -1.94 -8.87
N TRP A 101 0.88 -2.30 -8.17
CA TRP A 101 -0.47 -1.83 -8.50
C TRP A 101 -1.02 -1.04 -7.29
N THR A 102 -0.85 0.30 -7.34
CA THR A 102 -1.05 1.22 -6.19
C THR A 102 -1.90 2.43 -6.56
N ILE A 103 -2.49 3.07 -5.55
CA ILE A 103 -2.98 4.48 -5.58
C ILE A 103 -2.26 5.21 -4.48
N TRP A 104 -2.28 6.55 -4.49
CA TRP A 104 -1.65 7.31 -3.38
C TRP A 104 -2.31 8.66 -3.21
N LEU A 105 -2.10 9.23 -2.04
CA LEU A 105 -2.24 10.68 -1.77
C LEU A 105 -0.84 11.21 -1.58
N TRP A 106 -0.51 12.34 -2.20
CA TRP A 106 0.65 13.18 -1.81
C TRP A 106 0.19 14.64 -1.78
N ASN A 107 0.95 15.48 -1.08
CA ASN A 107 0.65 16.92 -0.85
C ASN A 107 -0.85 17.12 -0.58
N LYS A 108 -1.37 16.52 0.48
CA LYS A 108 -2.75 16.73 0.98
C LYS A 108 -3.70 17.09 -0.17
N GLN A 109 -4.57 16.13 -0.55
CA GLN A 109 -5.75 16.27 -1.46
C GLN A 109 -5.43 15.93 -2.93
N LYS A 110 -4.18 15.63 -3.30
CA LYS A 110 -3.86 15.14 -4.67
C LYS A 110 -3.78 13.60 -4.68
N TYR A 111 -4.87 12.93 -5.09
CA TYR A 111 -4.97 11.44 -5.21
C TYR A 111 -4.64 11.04 -6.65
N GLU A 112 -3.86 9.97 -6.85
CA GLU A 112 -3.42 9.50 -8.19
C GLU A 112 -3.23 7.98 -8.21
N ALA A 113 -3.53 7.34 -9.33
CA ALA A 113 -3.26 5.91 -9.59
C ALA A 113 -1.87 5.77 -10.23
N GLY A 114 -1.14 4.71 -9.84
CA GLY A 114 0.23 4.37 -10.29
C GLY A 114 0.23 3.69 -11.64
N THR A 115 -0.42 4.31 -12.62
CA THR A 115 -0.20 4.05 -14.06
C THR A 115 1.15 4.66 -14.44
N TYR A 116 1.61 4.39 -15.66
CA TYR A 116 2.83 5.02 -16.25
C TYR A 116 2.45 5.79 -17.50
N PRO A 117 2.46 7.14 -17.45
CA PRO A 117 2.57 7.89 -16.19
C PRO A 117 1.28 7.87 -15.36
N GLN A 118 1.37 8.50 -14.18
CA GLN A 118 0.36 8.46 -13.10
C GLN A 118 -0.92 9.15 -13.58
N THR A 119 -2.09 8.68 -13.15
CA THR A 119 -3.44 9.18 -13.56
C THR A 119 -4.04 9.94 -12.37
N PRO A 120 -4.24 11.27 -12.44
CA PRO A 120 -4.88 11.98 -11.34
C PRO A 120 -6.34 11.52 -11.23
N LEU A 121 -6.86 11.45 -10.00
CA LEU A 121 -8.21 10.89 -9.69
C LEU A 121 -9.11 12.04 -9.22
N HIS A 122 -10.38 12.03 -9.60
CA HIS A 122 -11.42 12.98 -9.14
C HIS A 122 -12.35 12.26 -8.16
N LEU A 123 -12.09 12.44 -6.86
CA LEU A 123 -12.87 11.85 -5.75
C LEU A 123 -13.79 12.93 -5.19
N GLN A 124 -15.01 12.55 -4.87
CA GLN A 124 -16.05 13.46 -4.34
C GLN A 124 -15.98 13.51 -2.81
N VAL A 125 -15.49 12.43 -2.17
CA VAL A 125 -15.37 12.28 -0.69
C VAL A 125 -13.93 11.87 -0.33
N PRO A 126 -13.14 12.72 0.36
CA PRO A 126 -11.81 12.32 0.80
C PRO A 126 -11.94 11.03 1.59
N PRO A 127 -11.30 9.91 1.18
CA PRO A 127 -11.43 8.65 1.92
C PRO A 127 -10.70 8.70 3.28
N CYS A 128 -11.38 8.35 4.37
CA CYS A 128 -10.78 8.12 5.71
C CYS A 128 -10.38 6.65 5.85
N GLN A 129 -11.00 5.77 5.06
CA GLN A 129 -10.71 4.31 5.02
C GLN A 129 -10.64 3.86 3.55
N VAL A 130 -9.65 3.03 3.21
CA VAL A 130 -9.49 2.50 1.82
C VAL A 130 -9.57 0.97 1.86
N GLY A 131 -10.38 0.40 0.97
CA GLY A 131 -10.48 -1.05 0.74
C GLY A 131 -9.71 -1.41 -0.51
N ILE A 132 -8.94 -2.49 -0.45
CA ILE A 132 -8.07 -3.02 -1.53
C ILE A 132 -8.57 -4.42 -1.83
N PHE A 133 -9.01 -4.70 -3.06
CA PHE A 133 -9.46 -6.04 -3.49
C PHE A 133 -8.51 -6.56 -4.58
N LEU A 134 -8.01 -7.78 -4.44
CA LEU A 134 -7.21 -8.50 -5.47
C LEU A 134 -8.01 -9.73 -5.96
N ASP A 135 -8.26 -9.80 -7.26
CA ASP A 135 -8.70 -11.03 -7.97
C ASP A 135 -7.54 -11.49 -8.84
N TYR A 136 -6.80 -12.49 -8.38
CA TYR A 136 -5.57 -12.99 -9.05
C TYR A 136 -5.94 -13.52 -10.43
N GLU A 137 -6.87 -14.46 -10.52
CA GLU A 137 -7.16 -15.17 -11.80
C GLU A 137 -7.64 -14.16 -12.85
N ALA A 138 -8.40 -13.15 -12.43
CA ALA A 138 -8.93 -12.09 -13.31
C ALA A 138 -7.85 -11.01 -13.53
N GLY A 139 -6.65 -11.19 -12.97
CA GLY A 139 -5.60 -10.18 -13.09
C GLY A 139 -6.13 -8.79 -12.77
N MET A 140 -6.73 -8.61 -11.59
CA MET A 140 -7.42 -7.35 -11.19
C MET A 140 -7.00 -6.90 -9.80
N VAL A 141 -6.76 -5.60 -9.62
CA VAL A 141 -6.65 -4.95 -8.29
C VAL A 141 -7.43 -3.62 -8.34
N SER A 142 -8.31 -3.42 -7.35
CA SER A 142 -9.31 -2.34 -7.27
C SER A 142 -9.31 -1.72 -5.86
N PHE A 143 -9.67 -0.45 -5.77
CA PHE A 143 -9.54 0.42 -4.58
C PHE A 143 -10.89 1.09 -4.38
N TYR A 144 -11.49 0.90 -3.21
CA TYR A 144 -12.84 1.41 -2.86
C TYR A 144 -12.71 2.46 -1.76
N ASN A 145 -13.55 3.48 -1.84
CA ASN A 145 -13.66 4.59 -0.88
C ASN A 145 -14.67 4.15 0.19
N ILE A 146 -14.18 3.56 1.27
CA ILE A 146 -15.03 2.96 2.35
C ILE A 146 -15.95 4.07 2.85
N THR A 147 -15.38 5.27 3.01
CA THR A 147 -16.06 6.49 3.52
C THR A 147 -17.21 6.92 2.58
N ASP A 148 -17.14 6.61 1.28
CA ASP A 148 -18.14 6.97 0.24
C ASP A 148 -18.86 5.71 -0.29
N HIS A 149 -19.47 4.93 0.62
CA HIS A 149 -20.32 3.75 0.29
C HIS A 149 -19.55 2.72 -0.55
N GLY A 150 -18.23 2.60 -0.34
CA GLY A 150 -17.41 1.61 -1.06
C GLY A 150 -17.34 1.91 -2.55
N SER A 151 -17.44 3.19 -2.94
CA SER A 151 -17.31 3.64 -4.34
C SER A 151 -15.92 3.29 -4.88
N LEU A 152 -15.83 2.81 -6.13
CA LEU A 152 -14.54 2.46 -6.80
C LEU A 152 -13.71 3.73 -6.93
N ILE A 153 -12.51 3.71 -6.38
CA ILE A 153 -11.56 4.84 -6.56
C ILE A 153 -10.88 4.65 -7.91
N TYR A 154 -10.35 3.45 -8.16
CA TYR A 154 -9.55 3.11 -9.37
C TYR A 154 -9.44 1.59 -9.47
N SER A 155 -9.33 1.05 -10.67
CA SER A 155 -9.13 -0.41 -10.90
C SER A 155 -8.07 -0.63 -11.98
N PHE A 156 -7.01 -1.37 -11.65
CA PHE A 156 -6.11 -2.01 -12.64
C PHE A 156 -6.73 -3.34 -13.08
N SER A 157 -6.83 -3.57 -14.40
CA SER A 157 -7.37 -4.82 -14.98
C SER A 157 -6.40 -5.33 -16.05
N GLU A 158 -6.70 -6.53 -16.59
CA GLU A 158 -5.84 -7.31 -17.51
C GLU A 158 -4.38 -7.25 -17.03
N CYS A 159 -4.16 -7.40 -15.72
CA CYS A 159 -2.83 -7.35 -15.07
C CYS A 159 -2.04 -8.62 -15.40
N ALA A 160 -2.74 -9.71 -15.78
CA ALA A 160 -2.21 -11.06 -16.07
C ALA A 160 -1.81 -11.77 -14.77
N PHE A 161 -0.62 -11.46 -14.21
CA PHE A 161 -0.04 -12.00 -12.95
C PHE A 161 0.50 -13.41 -13.17
N THR A 162 1.77 -13.62 -12.83
CA THR A 162 2.45 -14.95 -12.86
C THR A 162 3.11 -15.24 -11.50
N GLY A 163 3.85 -14.27 -10.93
CA GLY A 163 4.59 -14.51 -9.68
C GLY A 163 3.63 -14.62 -8.50
N PRO A 164 4.14 -14.90 -7.28
CA PRO A 164 3.46 -14.47 -6.05
C PRO A 164 3.35 -12.94 -5.90
N LEU A 165 2.23 -12.46 -5.35
CA LEU A 165 1.93 -11.02 -5.11
C LEU A 165 1.96 -10.74 -3.61
N ARG A 166 2.21 -9.48 -3.26
CA ARG A 166 2.41 -9.02 -1.86
C ARG A 166 1.59 -7.77 -1.64
N PRO A 167 0.91 -7.64 -0.47
CA PRO A 167 0.31 -6.37 -0.07
C PRO A 167 1.42 -5.33 0.17
N PHE A 168 1.13 -4.06 -0.09
CA PHE A 168 2.13 -2.98 -0.16
C PHE A 168 1.57 -1.72 0.50
N PHE A 169 2.40 -1.04 1.29
CA PHE A 169 2.03 0.13 2.11
C PHE A 169 3.20 1.10 2.15
N SER A 170 2.90 2.40 2.13
CA SER A 170 3.77 3.45 2.69
C SER A 170 2.92 4.47 3.42
N PRO A 171 3.28 4.80 4.67
CA PRO A 171 2.67 5.93 5.37
C PRO A 171 3.08 7.27 4.75
N GLY A 172 3.82 7.24 3.64
CA GLY A 172 4.29 8.45 2.96
C GLY A 172 5.44 9.10 3.72
N PHE A 173 6.04 10.13 3.13
CA PHE A 173 7.08 10.98 3.74
C PHE A 173 6.37 12.00 4.63
N ASN A 174 7.09 12.63 5.57
CA ASN A 174 6.52 13.61 6.54
C ASN A 174 7.08 15.01 6.25
N ASP A 175 7.51 15.25 5.01
CA ASP A 175 7.84 16.60 4.49
C ASP A 175 6.52 17.37 4.46
N GLY A 176 6.25 18.09 5.54
CA GLY A 176 4.91 18.57 5.94
C GLY A 176 4.83 18.79 7.43
N GLY A 177 5.54 17.97 8.21
CA GLY A 177 5.47 17.95 9.69
C GLY A 177 4.16 17.34 10.17
N LYS A 178 3.16 17.24 9.29
CA LYS A 178 1.74 17.00 9.64
C LYS A 178 1.26 15.65 9.10
N ASN A 179 2.17 14.71 8.79
CA ASN A 179 1.81 13.36 8.30
C ASN A 179 2.32 12.29 9.27
N THR A 180 2.29 12.60 10.57
CA THR A 180 2.81 11.75 11.67
C THR A 180 1.93 10.49 11.84
N ALA A 181 0.63 10.58 11.56
CA ALA A 181 -0.36 9.53 11.92
C ALA A 181 -0.01 8.24 11.20
N PRO A 182 -0.30 7.07 11.80
CA PRO A 182 -0.02 5.79 11.16
C PRO A 182 -1.10 5.37 10.17
N LEU A 183 -0.75 4.39 9.34
CA LEU A 183 -1.72 3.55 8.60
C LEU A 183 -2.19 2.48 9.58
N THR A 184 -3.46 2.12 9.54
CA THR A 184 -3.99 1.04 10.41
C THR A 184 -4.81 0.09 9.53
N LEU A 185 -4.51 -1.20 9.63
CA LEU A 185 -5.28 -2.28 8.95
C LEU A 185 -6.50 -2.60 9.81
N CYS A 186 -7.71 -2.40 9.27
CA CYS A 186 -8.98 -2.44 10.05
C CYS A 186 -9.41 -3.89 10.27
N PRO A 187 -9.83 -4.26 11.51
CA PRO A 187 -10.17 -5.65 11.84
C PRO A 187 -11.19 -6.37 10.94
N LEU A 188 -12.13 -5.68 10.30
CA LEU A 188 -13.12 -6.33 9.38
C LEU A 188 -14.08 -7.21 10.20
#